data_9IJT
#
_entry.id   9IJT
#
_cell.length_a   40.717
_cell.length_b   85.206
_cell.length_c   161.157
_cell.angle_alpha   90.000
_cell.angle_beta   90.000
_cell.angle_gamma   90.000
#
_symmetry.space_group_name_H-M   'P 21 21 21'
#
loop_
_entity.id
_entity.type
_entity.pdbx_description
1 polymer 'Programmed cell death 1 ligand 1'
2 non-polymer '(2~{S})-1-[[4-methoxy-2-[(2-methyl-3-phenyl-phenyl)methoxy]pyrimidin-5-yl]methyl]piperidine-2-carboxylic acid'
3 water water
#
_entity_poly.entity_id   1
_entity_poly.type   'polypeptide(L)'
_entity_poly.pdbx_seq_one_letter_code
;MAFTVTVPKDLYVVEYGSNMTIECKFPVEKQLDLAALIVYWEMEDKNIIQFVHGEEDLKTQHSSYRQRARLLKDQLSLGN
AALQITDVKLQDAGVYRCMISYGGADYKRITVKVNAPYAAALEHHHHHH
;
_entity_poly.pdbx_strand_id   A,B,C,D
#
loop_
_chem_comp.id
_chem_comp.type
_chem_comp.name
_chem_comp.formula
A1L2P non-polymer '(2~{S})-1-[[4-methoxy-2-[(2-methyl-3-phenyl-phenyl)methoxy]pyrimidin-5-yl]methyl]piperidine-2-carboxylic acid' 'C26 H29 N3 O4'
#
# COMPACT_ATOMS: atom_id res chain seq x y z
N ALA A 2 22.84 -17.28 19.51
CA ALA A 2 21.45 -16.89 19.86
C ALA A 2 20.47 -17.86 19.17
N PHE A 3 19.35 -18.14 19.84
CA PHE A 3 18.20 -18.91 19.31
C PHE A 3 17.79 -18.29 17.96
N THR A 4 17.85 -19.10 16.91
CA THR A 4 17.56 -18.65 15.53
C THR A 4 16.46 -19.51 14.90
N VAL A 5 15.37 -18.87 14.49
CA VAL A 5 14.38 -19.47 13.54
C VAL A 5 14.95 -19.34 12.13
N THR A 6 14.85 -20.39 11.33
CA THR A 6 15.29 -20.37 9.92
C THR A 6 14.13 -20.82 9.03
N VAL A 7 14.04 -20.27 7.83
CA VAL A 7 13.07 -20.69 6.79
C VAL A 7 13.87 -21.13 5.57
N PRO A 8 13.80 -22.41 5.17
CA PRO A 8 14.47 -22.86 3.95
C PRO A 8 13.88 -22.12 2.72
N LYS A 9 12.55 -22.04 2.60
CA LYS A 9 11.88 -21.24 1.53
C LYS A 9 11.17 -20.04 2.15
N ASP A 10 11.56 -18.84 1.75
CA ASP A 10 10.89 -17.58 2.12
C ASP A 10 9.85 -17.20 1.05
N LEU A 11 9.70 -17.99 -0.02
CA LEU A 11 8.71 -17.73 -1.11
C LEU A 11 7.98 -19.01 -1.47
N TYR A 12 6.64 -18.99 -1.45
CA TYR A 12 5.77 -20.09 -1.92
C TYR A 12 4.87 -19.53 -3.02
N VAL A 13 4.70 -20.31 -4.09
CA VAL A 13 3.76 -19.96 -5.19
C VAL A 13 2.74 -21.09 -5.21
N VAL A 14 1.48 -20.77 -4.94
CA VAL A 14 0.43 -21.81 -4.75
CA VAL A 14 0.42 -21.81 -4.74
C VAL A 14 -0.77 -21.52 -5.66
N GLU A 15 -1.46 -22.57 -6.06
CA GLU A 15 -2.64 -22.49 -6.96
C GLU A 15 -3.87 -22.27 -6.07
N TYR A 16 -4.76 -21.38 -6.48
CA TYR A 16 -6.10 -21.23 -5.86
C TYR A 16 -6.71 -22.64 -5.71
N GLY A 17 -7.27 -22.95 -4.53
CA GLY A 17 -7.98 -24.21 -4.24
C GLY A 17 -7.03 -25.32 -3.79
N SER A 18 -5.72 -25.14 -3.94
CA SER A 18 -4.69 -26.13 -3.55
C SER A 18 -4.42 -26.04 -2.06
N ASN A 19 -3.42 -26.81 -1.65
CA ASN A 19 -2.94 -27.01 -0.28
C ASN A 19 -1.53 -26.46 -0.23
N MET A 20 -1.07 -26.08 0.94
CA MET A 20 0.25 -25.46 1.11
C MET A 20 0.74 -25.83 2.52
N THR A 21 2.00 -26.20 2.63
CA THR A 21 2.65 -26.40 3.94
C THR A 21 3.83 -25.46 3.99
N ILE A 22 3.78 -24.43 4.84
CA ILE A 22 4.89 -23.45 4.97
C ILE A 22 5.63 -23.78 6.25
N GLU A 23 6.95 -23.80 6.18
CA GLU A 23 7.78 -24.41 7.25
C GLU A 23 8.76 -23.37 7.79
N CYS A 24 8.90 -23.38 9.10
CA CYS A 24 9.93 -22.64 9.85
CA CYS A 24 9.95 -22.64 9.84
C CYS A 24 10.66 -23.65 10.76
N LYS A 25 11.99 -23.58 10.80
CA LYS A 25 12.83 -24.51 11.59
C LYS A 25 13.31 -23.77 12.82
N PHE A 26 13.41 -24.51 13.93
CA PHE A 26 13.94 -23.99 15.22
C PHE A 26 14.77 -25.09 15.86
N PRO A 27 15.85 -24.74 16.60
CA PRO A 27 16.75 -25.74 17.16
C PRO A 27 16.09 -26.53 18.31
N VAL A 28 16.07 -27.85 18.19
CA VAL A 28 15.65 -28.80 19.27
C VAL A 28 16.81 -29.77 19.49
N GLU A 29 17.42 -29.76 20.68
CA GLU A 29 18.36 -30.81 21.16
C GLU A 29 17.60 -31.87 21.98
N LYS A 30 17.42 -33.08 21.44
CA LYS A 30 16.84 -34.26 22.13
C LYS A 30 15.35 -34.01 22.34
N GLN A 31 14.82 -34.32 23.52
CA GLN A 31 13.38 -34.25 23.83
C GLN A 31 12.88 -32.82 23.61
N LEU A 32 11.82 -32.63 22.80
CA LEU A 32 11.11 -31.34 22.78
C LEU A 32 10.43 -31.16 24.14
N ASP A 33 10.61 -30.00 24.78
CA ASP A 33 9.86 -29.61 25.99
C ASP A 33 8.65 -28.77 25.57
N LEU A 34 7.52 -29.41 25.30
CA LEU A 34 6.28 -28.73 24.82
C LEU A 34 5.89 -27.62 25.79
N ALA A 35 6.14 -27.80 27.09
CA ALA A 35 5.76 -26.87 28.16
C ALA A 35 6.42 -25.50 27.95
N ALA A 36 7.60 -25.45 27.32
CA ALA A 36 8.38 -24.20 27.11
C ALA A 36 8.22 -23.66 25.69
N LEU A 37 7.54 -24.39 24.81
CA LEU A 37 7.44 -24.03 23.37
C LEU A 37 6.21 -23.16 23.16
N ILE A 38 6.41 -22.01 22.53
CA ILE A 38 5.32 -21.16 21.99
C ILE A 38 5.54 -21.04 20.49
N VAL A 39 4.54 -21.42 19.69
CA VAL A 39 4.56 -21.14 18.22
C VAL A 39 3.34 -20.31 17.86
N TYR A 40 3.56 -19.12 17.30
CA TYR A 40 2.49 -18.24 16.80
C TYR A 40 2.68 -18.04 15.30
N TRP A 41 1.65 -18.29 14.51
CA TRP A 41 1.67 -18.04 13.04
C TRP A 41 0.63 -16.97 12.74
N GLU A 42 1.02 -15.96 11.97
CA GLU A 42 0.08 -14.91 11.57
C GLU A 42 0.36 -14.48 10.13
N MET A 43 -0.59 -13.75 9.55
CA MET A 43 -0.39 -13.07 8.25
C MET A 43 -1.10 -11.74 8.34
N GLU A 44 -0.41 -10.63 8.10
CA GLU A 44 -0.99 -9.26 8.17
C GLU A 44 -1.90 -9.13 9.41
N ASP A 45 -1.39 -9.46 10.59
CA ASP A 45 -2.04 -9.21 11.90
C ASP A 45 -3.14 -10.25 12.17
N LYS A 46 -3.39 -11.19 11.27
CA LYS A 46 -4.45 -12.20 11.48
C LYS A 46 -3.81 -13.43 12.15
N ASN A 47 -4.38 -13.90 13.28
CA ASN A 47 -3.87 -15.11 13.98
C ASN A 47 -4.31 -16.34 13.21
N ILE A 48 -3.37 -17.23 12.90
CA ILE A 48 -3.65 -18.49 12.19
C ILE A 48 -3.55 -19.63 13.21
N ILE A 49 -2.49 -19.64 14.00
CA ILE A 49 -2.16 -20.75 14.94
C ILE A 49 -1.52 -20.17 16.18
N GLN A 50 -1.88 -20.70 17.34
CA GLN A 50 -1.20 -20.43 18.63
C GLN A 50 -1.03 -21.78 19.31
N PHE A 51 0.19 -22.30 19.33
CA PHE A 51 0.54 -23.52 20.11
C PHE A 51 1.27 -23.07 21.38
N VAL A 52 0.57 -23.09 22.52
CA VAL A 52 1.10 -22.69 23.84
C VAL A 52 0.76 -23.80 24.82
N HIS A 53 1.63 -24.04 25.80
CA HIS A 53 1.46 -25.09 26.83
C HIS A 53 1.21 -26.44 26.13
N GLY A 54 1.76 -26.65 24.93
CA GLY A 54 1.77 -27.96 24.24
C GLY A 54 0.44 -28.32 23.59
N GLU A 55 -0.45 -27.38 23.32
CA GLU A 55 -1.72 -27.68 22.60
C GLU A 55 -2.11 -26.48 21.71
N GLU A 56 -2.78 -26.75 20.58
CA GLU A 56 -3.29 -25.67 19.70
C GLU A 56 -4.37 -24.88 20.46
N ASP A 57 -4.40 -23.56 20.26
CA ASP A 57 -5.37 -22.65 20.93
C ASP A 57 -6.07 -21.81 19.87
N LEU A 58 -6.95 -22.43 19.10
CA LEU A 58 -7.64 -21.81 17.94
C LEU A 58 -8.92 -21.13 18.42
N LYS A 59 -8.86 -20.44 19.57
CA LYS A 59 -9.91 -19.50 20.05
C LYS A 59 -9.52 -18.08 19.62
N THR A 60 -8.28 -17.86 19.20
CA THR A 60 -7.81 -16.55 18.69
C THR A 60 -7.67 -16.60 17.16
N GLN A 61 -7.99 -17.75 16.54
CA GLN A 61 -7.83 -17.94 15.07
C GLN A 61 -8.77 -16.99 14.36
N HIS A 62 -8.28 -16.27 13.34
CA HIS A 62 -9.13 -15.48 12.42
C HIS A 62 -10.09 -16.43 11.69
N SER A 63 -11.36 -16.05 11.53
CA SER A 63 -12.41 -16.92 10.94
C SER A 63 -12.02 -17.38 9.53
N SER A 64 -11.30 -16.55 8.78
CA SER A 64 -10.80 -16.89 7.42
C SER A 64 -9.96 -18.16 7.43
N TYR A 65 -9.46 -18.65 8.57
CA TYR A 65 -8.51 -19.79 8.61
C TYR A 65 -9.19 -20.99 9.27
N ARG A 66 -10.50 -20.93 9.53
CA ARG A 66 -11.20 -21.99 10.26
C ARG A 66 -11.22 -23.27 9.43
N GLN A 67 -10.83 -24.38 10.04
CA GLN A 67 -10.75 -25.72 9.40
C GLN A 67 -9.63 -25.77 8.35
N ARG A 68 -9.10 -24.63 7.89
CA ARG A 68 -8.13 -24.58 6.77
C ARG A 68 -6.69 -24.64 7.30
N ALA A 69 -6.45 -24.31 8.57
CA ALA A 69 -5.09 -24.18 9.12
C ALA A 69 -4.86 -25.20 10.23
N ARG A 70 -3.65 -25.71 10.29
CA ARG A 70 -3.27 -26.76 11.28
C ARG A 70 -1.75 -26.81 11.37
N LEU A 71 -1.23 -26.98 12.59
CA LEU A 71 0.22 -27.12 12.83
C LEU A 71 0.51 -28.62 12.91
N LEU A 72 1.48 -29.12 12.16
CA LEU A 72 1.79 -30.59 12.16
C LEU A 72 2.57 -30.90 13.45
N LYS A 73 1.88 -31.37 14.49
CA LYS A 73 2.44 -31.45 15.87
C LYS A 73 3.57 -32.49 15.93
N ASP A 74 3.49 -33.58 15.16
CA ASP A 74 4.61 -34.54 14.99
C ASP A 74 5.89 -33.78 14.56
N GLN A 75 5.75 -32.78 13.69
CA GLN A 75 6.90 -32.03 13.10
C GLN A 75 7.59 -31.21 14.21
N LEU A 76 6.86 -30.77 15.24
CA LEU A 76 7.43 -29.91 16.30
C LEU A 76 8.59 -30.63 16.99
N SER A 77 8.48 -31.94 17.20
CA SER A 77 9.51 -32.75 17.88
C SER A 77 10.79 -32.79 17.05
N LEU A 78 10.70 -32.54 15.74
CA LEU A 78 11.86 -32.53 14.82
C LEU A 78 12.38 -31.09 14.67
N GLY A 79 11.78 -30.13 15.39
CA GLY A 79 12.15 -28.70 15.30
C GLY A 79 11.61 -28.05 14.03
N ASN A 80 10.43 -28.48 13.58
CA ASN A 80 9.77 -27.97 12.36
C ASN A 80 8.38 -27.47 12.77
N ALA A 81 8.17 -26.17 12.72
CA ALA A 81 6.85 -25.53 12.88
C ALA A 81 6.26 -25.43 11.48
N ALA A 82 5.47 -26.42 11.07
CA ALA A 82 4.92 -26.48 9.70
C ALA A 82 3.45 -26.10 9.80
N LEU A 83 3.09 -24.99 9.18
CA LEU A 83 1.68 -24.56 9.02
C LEU A 83 1.15 -25.16 7.72
N GLN A 84 0.12 -26.01 7.82
CA GLN A 84 -0.53 -26.60 6.63
C GLN A 84 -1.86 -25.90 6.43
N ILE A 85 -2.02 -25.25 5.29
CA ILE A 85 -3.26 -24.51 4.95
C ILE A 85 -3.93 -25.25 3.79
N THR A 86 -5.22 -25.49 3.88
CA THR A 86 -6.00 -26.21 2.84
C THR A 86 -6.91 -25.21 2.15
N ASP A 87 -7.27 -25.50 0.90
CA ASP A 87 -8.24 -24.73 0.09
C ASP A 87 -7.77 -23.28 0.03
N VAL A 88 -6.59 -23.06 -0.51
CA VAL A 88 -5.93 -21.73 -0.56
C VAL A 88 -6.82 -20.77 -1.35
N LYS A 89 -6.96 -19.56 -0.83
CA LYS A 89 -7.79 -18.47 -1.43
C LYS A 89 -6.84 -17.35 -1.86
N LEU A 90 -7.29 -16.45 -2.72
CA LEU A 90 -6.47 -15.28 -3.13
C LEU A 90 -6.17 -14.41 -1.91
N GLN A 91 -7.07 -14.38 -0.92
CA GLN A 91 -6.90 -13.60 0.33
C GLN A 91 -5.73 -14.15 1.14
N ASP A 92 -5.25 -15.36 0.87
CA ASP A 92 -4.11 -16.00 1.58
C ASP A 92 -2.77 -15.46 1.08
N ALA A 93 -2.75 -14.71 -0.03
CA ALA A 93 -1.50 -14.14 -0.56
C ALA A 93 -1.03 -13.02 0.36
N GLY A 94 0.26 -12.96 0.66
CA GLY A 94 0.87 -11.89 1.45
C GLY A 94 1.98 -12.44 2.35
N VAL A 95 2.33 -11.69 3.39
CA VAL A 95 3.55 -11.97 4.21
C VAL A 95 3.10 -12.68 5.49
N TYR A 96 3.62 -13.89 5.68
CA TYR A 96 3.36 -14.74 6.87
C TYR A 96 4.52 -14.55 7.83
N ARG A 97 4.26 -14.68 9.13
CA ARG A 97 5.34 -14.65 10.14
C ARG A 97 5.19 -15.86 11.05
N CYS A 98 6.29 -16.57 11.25
CA CYS A 98 6.36 -17.66 12.26
CA CYS A 98 6.40 -17.67 12.22
C CYS A 98 7.15 -17.14 13.45
N MET A 99 6.51 -17.07 14.59
CA MET A 99 7.12 -16.54 15.82
C MET A 99 7.25 -17.69 16.81
N ILE A 100 8.48 -17.96 17.23
CA ILE A 100 8.80 -19.13 18.09
C ILE A 100 9.55 -18.65 19.33
N SER A 101 9.09 -19.10 20.49
CA SER A 101 9.77 -18.98 21.80
C SER A 101 10.09 -20.39 22.29
N TYR A 102 11.38 -20.69 22.44
CA TYR A 102 11.89 -22.00 22.91
C TYR A 102 13.27 -21.77 23.51
N GLY A 103 13.31 -21.38 24.80
CA GLY A 103 14.54 -21.03 25.54
C GLY A 103 15.31 -19.96 24.79
N GLY A 104 14.66 -18.87 24.42
CA GLY A 104 15.09 -17.98 23.33
C GLY A 104 13.88 -17.69 22.45
N ALA A 105 13.90 -16.63 21.64
CA ALA A 105 12.74 -16.27 20.79
C ALA A 105 13.24 -15.60 19.52
N ASP A 106 12.54 -15.83 18.43
CA ASP A 106 12.89 -15.29 17.09
C ASP A 106 11.68 -15.43 16.16
N TYR A 107 11.69 -14.77 15.02
CA TYR A 107 10.65 -14.96 13.98
C TYR A 107 11.30 -14.86 12.60
N LYS A 108 10.64 -15.37 11.59
CA LYS A 108 10.98 -15.14 10.17
C LYS A 108 9.70 -14.83 9.37
N ARG A 109 9.88 -14.19 8.23
CA ARG A 109 8.78 -13.86 7.28
C ARG A 109 8.82 -14.83 6.10
N ILE A 110 7.65 -15.20 5.60
CA ILE A 110 7.49 -16.00 4.37
C ILE A 110 6.47 -15.27 3.46
N THR A 111 6.79 -15.12 2.17
CA THR A 111 5.87 -14.52 1.17
C THR A 111 5.15 -15.65 0.45
N VAL A 112 3.83 -15.56 0.41
CA VAL A 112 3.00 -16.51 -0.40
C VAL A 112 2.37 -15.72 -1.55
N LYS A 113 2.54 -16.20 -2.78
CA LYS A 113 1.84 -15.69 -3.99
C LYS A 113 0.83 -16.75 -4.41
N VAL A 114 -0.38 -16.32 -4.75
CA VAL A 114 -1.47 -17.24 -5.15
C VAL A 114 -1.77 -16.97 -6.63
N ASN A 115 -1.61 -17.99 -7.47
CA ASN A 115 -2.09 -17.98 -8.89
C ASN A 115 -3.56 -18.39 -8.87
N ALA A 116 -4.41 -17.73 -9.66
CA ALA A 116 -5.84 -18.10 -9.71
C ALA A 116 -6.41 -17.91 -11.11
N PRO A 117 -7.41 -18.71 -11.49
CA PRO A 117 -8.12 -18.48 -12.75
C PRO A 117 -9.01 -17.24 -12.67
N TYR A 118 -9.49 -16.78 -13.84
CA TYR A 118 -10.33 -15.57 -13.99
C TYR A 118 -11.48 -15.61 -12.97
N ALA A 119 -12.21 -16.73 -12.86
CA ALA A 119 -13.50 -16.80 -12.13
C ALA A 119 -13.24 -16.47 -10.65
N ALA A 120 -12.21 -17.07 -10.05
CA ALA A 120 -11.83 -16.82 -8.65
C ALA A 120 -11.33 -15.37 -8.50
N ALA A 121 -10.52 -14.90 -9.45
CA ALA A 121 -9.94 -13.55 -9.43
C ALA A 121 -11.07 -12.52 -9.43
N LEU A 122 -12.10 -12.74 -10.24
CA LEU A 122 -13.23 -11.79 -10.40
C LEU A 122 -13.99 -11.64 -9.07
N GLU A 123 -14.32 -12.76 -8.42
CA GLU A 123 -15.02 -12.75 -7.12
C GLU A 123 -14.18 -11.95 -6.10
N HIS A 124 -12.89 -12.24 -5.98
CA HIS A 124 -11.97 -11.52 -5.08
C HIS A 124 -11.95 -10.03 -5.42
N HIS A 125 -11.92 -9.70 -6.73
CA HIS A 125 -11.86 -8.31 -7.26
C HIS A 125 -13.05 -7.49 -6.74
N HIS A 126 -14.26 -8.05 -6.80
CA HIS A 126 -15.50 -7.37 -6.34
C HIS A 126 -15.64 -7.36 -4.81
N HIS A 127 -15.30 -8.45 -4.11
CA HIS A 127 -15.27 -8.56 -2.62
C HIS A 127 -14.01 -7.91 -2.07
N MET B 1 -4.31 -16.24 33.42
CA MET B 1 -3.42 -15.06 33.29
C MET B 1 -2.48 -15.25 32.09
N ALA B 2 -2.98 -15.48 30.88
CA ALA B 2 -2.12 -15.55 29.67
C ALA B 2 -1.18 -14.34 29.67
N PHE B 3 0.07 -14.52 29.27
CA PHE B 3 1.07 -13.42 29.19
C PHE B 3 0.50 -12.39 28.21
N THR B 4 0.28 -11.16 28.67
CA THR B 4 -0.34 -10.09 27.86
C THR B 4 0.58 -8.88 27.84
N VAL B 5 1.05 -8.49 26.65
CA VAL B 5 1.68 -7.15 26.46
C VAL B 5 0.55 -6.14 26.31
N THR B 6 0.67 -4.98 26.96
CA THR B 6 -0.35 -3.92 26.90
C THR B 6 0.34 -2.62 26.46
N VAL B 7 -0.35 -1.79 25.70
CA VAL B 7 0.12 -0.47 25.25
C VAL B 7 -0.86 0.56 25.80
N PRO B 8 -0.41 1.44 26.72
CA PRO B 8 -1.29 2.52 27.20
C PRO B 8 -1.73 3.46 26.05
N LYS B 9 -0.87 3.67 25.05
CA LYS B 9 -1.19 4.47 23.84
C LYS B 9 -0.81 3.66 22.61
N ASP B 10 -1.75 3.39 21.72
CA ASP B 10 -1.44 2.70 20.45
C ASP B 10 -1.25 3.74 19.33
N LEU B 11 -1.41 5.02 19.63
CA LEU B 11 -1.20 6.13 18.65
C LEU B 11 -0.35 7.23 19.27
N TYR B 12 0.72 7.60 18.61
CA TYR B 12 1.59 8.74 18.97
C TYR B 12 1.62 9.70 17.78
N VAL B 13 1.48 10.98 18.08
CA VAL B 13 1.67 12.09 17.09
C VAL B 13 2.93 12.83 17.51
N VAL B 14 3.90 12.90 16.62
CA VAL B 14 5.25 13.48 16.94
CA VAL B 14 5.26 13.45 16.92
C VAL B 14 5.58 14.54 15.89
N GLU B 15 6.24 15.61 16.32
CA GLU B 15 6.69 16.71 15.44
C GLU B 15 8.05 16.31 14.86
N TYR B 16 8.21 16.49 13.55
CA TYR B 16 9.50 16.29 12.83
C TYR B 16 10.62 16.89 13.69
N GLY B 17 11.71 16.15 13.88
CA GLY B 17 12.93 16.68 14.52
C GLY B 17 12.91 16.47 16.03
N SER B 18 11.75 16.16 16.61
CA SER B 18 11.61 15.85 18.06
C SER B 18 12.14 14.45 18.36
N ASN B 19 12.13 14.09 19.63
CA ASN B 19 12.49 12.74 20.13
CA ASN B 19 12.49 12.73 20.13
C ASN B 19 11.19 12.06 20.57
N MET B 20 11.13 10.74 20.48
CA MET B 20 9.89 10.04 20.91
C MET B 20 10.27 8.82 21.74
N THR B 21 9.51 8.61 22.79
CA THR B 21 9.54 7.35 23.58
C THR B 21 8.18 6.66 23.42
N ILE B 22 8.16 5.49 22.79
CA ILE B 22 6.92 4.67 22.68
C ILE B 22 7.04 3.48 23.63
N GLU B 23 5.95 3.05 24.26
CA GLU B 23 6.02 2.19 25.44
C GLU B 23 5.12 0.98 25.25
N CYS B 24 5.61 -0.18 25.67
CA CYS B 24 4.83 -1.43 25.77
CA CYS B 24 4.74 -1.37 25.83
C CYS B 24 5.06 -2.02 27.17
N LYS B 25 3.99 -2.40 27.85
CA LYS B 25 4.06 -2.93 29.24
C LYS B 25 3.95 -4.45 29.17
N PHE B 26 4.65 -5.12 30.07
CA PHE B 26 4.66 -6.60 30.21
C PHE B 26 4.66 -6.93 31.69
N PRO B 27 4.04 -8.05 32.09
CA PRO B 27 3.93 -8.41 33.49
C PRO B 27 5.29 -8.84 34.07
N VAL B 28 5.71 -8.20 35.16
CA VAL B 28 6.88 -8.59 35.97
C VAL B 28 6.40 -8.80 37.42
N GLU B 29 6.38 -10.05 37.88
CA GLU B 29 6.10 -10.44 39.28
C GLU B 29 7.44 -10.57 40.01
N LYS B 30 7.60 -9.86 41.12
CA LYS B 30 8.85 -9.82 41.94
C LYS B 30 9.88 -9.02 41.14
N GLN B 31 11.11 -9.50 41.00
CA GLN B 31 12.18 -8.75 40.30
C GLN B 31 12.33 -9.34 38.89
N LEU B 32 12.52 -8.48 37.90
CA LEU B 32 12.86 -8.89 36.53
C LEU B 32 14.03 -9.90 36.53
N ASP B 33 13.89 -11.00 35.80
CA ASP B 33 15.01 -11.91 35.46
C ASP B 33 15.46 -11.60 34.02
N LEU B 34 16.49 -10.74 33.85
CA LEU B 34 17.02 -10.37 32.50
C LEU B 34 17.32 -11.61 31.66
N ALA B 35 17.77 -12.70 32.28
CA ALA B 35 18.20 -13.93 31.57
C ALA B 35 17.04 -14.55 30.81
N ALA B 36 15.77 -14.31 31.21
CA ALA B 36 14.57 -14.90 30.58
C ALA B 36 13.86 -13.88 29.67
N LEU B 37 14.37 -12.65 29.57
CA LEU B 37 13.67 -11.56 28.84
C LEU B 37 14.23 -11.42 27.43
N ILE B 38 13.36 -11.42 26.42
CA ILE B 38 13.72 -11.01 25.03
C ILE B 38 12.78 -9.88 24.60
N VAL B 39 13.33 -8.77 24.13
CA VAL B 39 12.51 -7.66 23.54
C VAL B 39 13.03 -7.38 22.14
N TYR B 40 12.15 -7.50 21.15
CA TYR B 40 12.38 -7.04 19.77
C TYR B 40 11.46 -5.85 19.50
N TRP B 41 12.00 -4.77 18.94
CA TRP B 41 11.21 -3.64 18.39
C TRP B 41 11.45 -3.58 16.88
N GLU B 42 10.39 -3.45 16.10
CA GLU B 42 10.50 -3.39 14.63
CA GLU B 42 10.51 -3.39 14.63
C GLU B 42 9.46 -2.42 14.07
N MET B 43 9.68 -2.00 12.84
CA MET B 43 8.71 -1.15 12.10
C MET B 43 8.72 -1.67 10.67
N GLU B 44 7.55 -2.09 10.17
CA GLU B 44 7.38 -2.64 8.80
C GLU B 44 8.50 -3.64 8.49
N ASP B 45 8.78 -4.57 9.39
CA ASP B 45 9.74 -5.70 9.20
C ASP B 45 11.19 -5.22 9.16
N LYS B 46 11.46 -3.95 9.46
CA LYS B 46 12.85 -3.50 9.74
C LYS B 46 13.09 -3.63 11.25
N ASN B 47 14.16 -4.33 11.65
CA ASN B 47 14.56 -4.44 13.08
C ASN B 47 15.14 -3.11 13.59
N ILE B 48 14.66 -2.63 14.72
CA ILE B 48 15.17 -1.42 15.39
C ILE B 48 16.03 -1.82 16.58
N ILE B 49 15.55 -2.76 17.40
CA ILE B 49 16.21 -3.15 18.67
C ILE B 49 16.01 -4.64 18.88
N GLN B 50 17.07 -5.30 19.36
CA GLN B 50 17.01 -6.69 19.84
C GLN B 50 17.75 -6.69 21.17
N PHE B 51 17.03 -6.94 22.25
CA PHE B 51 17.57 -7.06 23.61
C PHE B 51 17.37 -8.52 24.06
N VAL B 52 18.44 -9.31 24.09
CA VAL B 52 18.37 -10.77 24.38
C VAL B 52 19.18 -11.10 25.64
N HIS B 53 18.48 -11.50 26.69
CA HIS B 53 19.08 -11.89 27.98
C HIS B 53 20.13 -10.85 28.40
N GLY B 54 19.71 -9.60 28.54
CA GLY B 54 20.51 -8.59 29.24
C GLY B 54 21.32 -7.71 28.33
N GLU B 55 21.46 -7.94 27.01
CA GLU B 55 22.24 -6.96 26.18
C GLU B 55 21.63 -6.76 24.80
N GLU B 56 21.92 -5.62 24.15
CA GLU B 56 21.68 -5.41 22.70
C GLU B 56 22.24 -6.58 21.88
N ASP B 57 21.57 -6.92 20.79
CA ASP B 57 22.05 -7.83 19.73
C ASP B 57 21.67 -7.24 18.36
N LEU B 58 22.66 -6.85 17.57
CA LEU B 58 22.47 -6.19 16.24
C LEU B 58 22.35 -7.28 15.16
N LYS B 59 21.76 -8.44 15.49
CA LYS B 59 21.66 -9.63 14.61
C LYS B 59 20.81 -9.30 13.38
N THR B 60 19.86 -8.35 13.45
CA THR B 60 18.97 -8.03 12.31
C THR B 60 18.75 -6.53 12.17
N GLN B 61 19.38 -5.69 12.99
CA GLN B 61 19.13 -4.21 13.02
C GLN B 61 19.30 -3.61 11.62
N HIS B 62 18.36 -2.78 11.18
CA HIS B 62 18.45 -1.96 9.95
C HIS B 62 19.35 -0.75 10.23
N SER B 63 20.10 -0.32 9.21
CA SER B 63 21.15 0.73 9.26
C SER B 63 20.57 2.12 9.56
N SER B 64 19.31 2.36 9.22
CA SER B 64 18.63 3.66 9.50
C SER B 64 18.60 3.91 11.02
N TYR B 65 18.55 2.85 11.83
CA TYR B 65 18.31 2.98 13.28
C TYR B 65 19.64 2.88 14.04
N ARG B 66 20.67 3.33 13.34
CA ARG B 66 22.08 3.40 13.81
C ARG B 66 22.21 4.64 14.69
N GLN B 67 22.56 4.48 15.96
CA GLN B 67 22.78 5.58 16.92
C GLN B 67 21.56 6.51 17.06
N ARG B 68 20.35 6.02 16.73
CA ARG B 68 19.10 6.82 16.85
C ARG B 68 18.14 6.15 17.86
N ALA B 69 18.32 4.86 18.10
CA ALA B 69 17.32 4.02 18.78
C ALA B 69 17.98 3.42 20.02
N ARG B 70 17.33 3.53 21.19
CA ARG B 70 17.75 2.75 22.37
C ARG B 70 16.52 2.34 23.18
N LEU B 71 16.67 1.19 23.85
CA LEU B 71 15.72 0.69 24.86
C LEU B 71 16.12 1.27 26.22
N LEU B 72 15.17 1.83 26.96
CA LEU B 72 15.49 2.39 28.31
C LEU B 72 15.59 1.22 29.30
N LYS B 73 16.79 0.79 29.65
CA LYS B 73 17.02 -0.48 30.39
C LYS B 73 16.42 -0.40 31.82
N ASP B 74 16.52 0.77 32.46
CA ASP B 74 15.89 1.06 33.78
C ASP B 74 14.41 0.66 33.75
N GLN B 75 13.71 1.03 32.67
CA GLN B 75 12.24 0.84 32.54
C GLN B 75 11.88 -0.65 32.50
N LEU B 76 12.79 -1.50 32.03
CA LEU B 76 12.49 -2.96 31.95
C LEU B 76 12.17 -3.51 33.34
N SER B 77 12.85 -3.07 34.40
CA SER B 77 12.63 -3.66 35.75
C SER B 77 11.24 -3.26 36.26
N LEU B 78 10.62 -2.24 35.68
CA LEU B 78 9.23 -1.82 36.01
C LEU B 78 8.23 -2.50 35.09
N GLY B 79 8.69 -3.35 34.17
CA GLY B 79 7.83 -4.03 33.19
C GLY B 79 7.44 -3.11 32.03
N ASN B 80 8.32 -2.18 31.65
CA ASN B 80 8.10 -1.20 30.57
C ASN B 80 9.22 -1.31 29.54
N ALA B 81 8.89 -1.81 28.35
CA ALA B 81 9.80 -1.83 27.18
C ALA B 81 9.60 -0.49 26.45
N ALA B 82 10.44 0.50 26.76
CA ALA B 82 10.31 1.88 26.25
C ALA B 82 11.36 2.08 25.16
N LEU B 83 10.91 2.30 23.93
CA LEU B 83 11.80 2.57 22.78
C LEU B 83 11.90 4.08 22.62
N GLN B 84 13.13 4.61 22.73
CA GLN B 84 13.41 6.03 22.47
C GLN B 84 14.06 6.17 21.09
N ILE B 85 13.42 6.87 20.17
CA ILE B 85 14.06 7.18 18.85
C ILE B 85 14.32 8.68 18.82
N THR B 86 15.54 9.05 18.44
CA THR B 86 15.98 10.46 18.40
C THR B 86 15.84 11.07 17.00
N ASP B 87 15.49 12.36 16.96
CA ASP B 87 15.51 13.17 15.72
C ASP B 87 14.55 12.51 14.72
N VAL B 88 13.27 12.54 15.06
CA VAL B 88 12.23 11.79 14.33
C VAL B 88 12.10 12.41 12.94
N LYS B 89 12.03 11.56 11.93
CA LYS B 89 11.94 11.94 10.49
C LYS B 89 10.60 11.46 9.98
N LEU B 90 10.16 11.95 8.82
CA LEU B 90 8.86 11.54 8.23
C LEU B 90 8.88 10.04 7.95
N GLN B 91 10.04 9.48 7.60
CA GLN B 91 10.18 8.03 7.30
C GLN B 91 9.99 7.18 8.57
N ASP B 92 10.00 7.76 9.77
CA ASP B 92 9.75 7.05 11.06
C ASP B 92 8.25 6.85 11.29
N ALA B 93 7.38 7.46 10.48
CA ALA B 93 5.91 7.28 10.59
C ALA B 93 5.59 5.86 10.15
N GLY B 94 4.70 5.20 10.88
CA GLY B 94 4.21 3.88 10.49
C GLY B 94 3.92 3.04 11.71
N VAL B 95 3.82 1.72 11.50
CA VAL B 95 3.32 0.80 12.55
C VAL B 95 4.55 0.10 13.16
N TYR B 96 4.75 0.31 14.45
CA TYR B 96 5.83 -0.30 15.25
C TYR B 96 5.26 -1.54 15.95
N ARG B 97 6.10 -2.54 16.17
CA ARG B 97 5.71 -3.74 16.92
C ARG B 97 6.74 -3.95 18.04
N CYS B 98 6.24 -4.14 19.24
CA CYS B 98 7.04 -4.57 20.40
CA CYS B 98 7.04 -4.58 20.40
C CYS B 98 6.75 -6.06 20.64
N MET B 99 7.78 -6.88 20.53
CA MET B 99 7.67 -8.34 20.65
C MET B 99 8.43 -8.73 21.92
N ILE B 100 7.71 -9.29 22.89
CA ILE B 100 8.29 -9.61 24.20
C ILE B 100 8.07 -11.09 24.49
N SER B 101 9.15 -11.77 24.85
CA SER B 101 9.12 -13.11 25.48
C SER B 101 9.65 -12.97 26.91
N TYR B 102 8.82 -13.34 27.88
CA TYR B 102 9.19 -13.39 29.31
C TYR B 102 8.30 -14.45 29.98
N GLY B 103 8.72 -15.71 29.91
CA GLY B 103 7.88 -16.89 30.22
C GLY B 103 6.97 -17.09 29.03
N GLY B 104 5.90 -16.32 28.93
CA GLY B 104 5.03 -16.29 27.76
C GLY B 104 5.57 -15.32 26.74
N ALA B 105 4.81 -15.09 25.69
CA ALA B 105 5.20 -14.20 24.58
C ALA B 105 3.94 -13.56 24.01
N ASP B 106 4.10 -12.31 23.57
CA ASP B 106 3.02 -11.51 22.97
C ASP B 106 3.67 -10.34 22.24
N TYR B 107 2.91 -9.70 21.36
CA TYR B 107 3.38 -8.47 20.70
C TYR B 107 2.16 -7.59 20.55
N LYS B 108 2.43 -6.30 20.51
CA LYS B 108 1.42 -5.24 20.26
C LYS B 108 1.95 -4.28 19.20
N ARG B 109 1.03 -3.57 18.56
CA ARG B 109 1.31 -2.61 17.48
C ARG B 109 1.12 -1.21 18.05
N ILE B 110 1.98 -0.29 17.64
CA ILE B 110 1.85 1.15 17.94
C ILE B 110 1.98 1.91 16.62
N THR B 111 1.05 2.82 16.35
CA THR B 111 1.07 3.72 15.18
C THR B 111 1.72 5.04 15.57
N VAL B 112 2.70 5.46 14.80
CA VAL B 112 3.34 6.78 14.95
C VAL B 112 2.96 7.63 13.71
N LYS B 113 2.41 8.81 13.94
CA LYS B 113 2.18 9.84 12.88
C LYS B 113 3.21 10.95 13.10
N VAL B 114 3.84 11.41 12.03
CA VAL B 114 4.85 12.50 12.10
C VAL B 114 4.28 13.72 11.38
N ASN B 115 4.12 14.82 12.11
CA ASN B 115 3.76 16.15 11.55
C ASN B 115 5.06 16.81 11.11
N ALA B 116 5.06 17.45 9.94
CA ALA B 116 6.26 18.18 9.49
C ALA B 116 5.84 19.41 8.70
N PRO B 117 6.57 20.53 8.87
CA PRO B 117 6.35 21.71 8.05
C PRO B 117 6.83 21.48 6.62
N TYR B 118 6.48 22.43 5.74
CA TYR B 118 6.70 22.32 4.29
C TYR B 118 8.17 21.97 3.99
N ALA B 119 9.13 22.63 4.63
CA ALA B 119 10.58 22.48 4.31
C ALA B 119 11.02 21.03 4.45
N ALA B 120 10.68 20.39 5.57
CA ALA B 120 11.03 18.98 5.85
C ALA B 120 10.24 18.07 4.91
N ALA B 121 8.95 18.38 4.67
CA ALA B 121 8.09 17.56 3.79
C ALA B 121 8.65 17.59 2.38
N LEU B 122 9.13 18.74 1.91
CA LEU B 122 9.65 18.92 0.52
C LEU B 122 10.91 18.06 0.33
N GLU B 123 11.85 18.12 1.28
CA GLU B 123 13.08 17.28 1.28
C GLU B 123 12.69 15.79 1.19
N HIS B 124 11.77 15.33 2.03
CA HIS B 124 11.29 13.93 2.01
C HIS B 124 10.65 13.61 0.64
N HIS B 125 9.87 14.54 0.11
CA HIS B 125 9.14 14.40 -1.18
C HIS B 125 10.13 14.10 -2.31
N HIS B 126 11.25 14.84 -2.38
CA HIS B 126 12.30 14.66 -3.42
C HIS B 126 13.31 13.55 -3.09
N HIS B 127 13.75 13.38 -1.83
CA HIS B 127 14.81 12.41 -1.42
C HIS B 127 14.16 11.10 -0.94
N ALA C 2 -23.18 12.20 -22.84
CA ALA C 2 -21.78 12.60 -22.48
C ALA C 2 -20.81 11.53 -23.01
N PHE C 3 -19.67 11.97 -23.51
CA PHE C 3 -18.59 11.10 -24.05
C PHE C 3 -18.21 10.09 -22.97
N THR C 4 -18.37 8.80 -23.29
CA THR C 4 -18.13 7.69 -22.31
C THR C 4 -17.14 6.68 -22.88
N VAL C 5 -16.02 6.48 -22.19
CA VAL C 5 -15.10 5.34 -22.44
C VAL C 5 -15.68 4.11 -21.72
N THR C 6 -15.65 2.97 -22.39
CA THR C 6 -16.23 1.69 -21.89
C THR C 6 -15.16 0.60 -21.99
N VAL C 7 -15.12 -0.29 -21.01
CA VAL C 7 -14.19 -1.46 -20.97
C VAL C 7 -15.04 -2.70 -20.86
N PRO C 8 -15.07 -3.59 -21.88
CA PRO C 8 -15.81 -4.84 -21.78
C PRO C 8 -15.33 -5.66 -20.57
N LYS C 9 -14.01 -5.72 -20.34
CA LYS C 9 -13.43 -6.42 -19.16
C LYS C 9 -12.62 -5.42 -18.33
N ASP C 10 -12.94 -5.30 -17.05
CA ASP C 10 -12.20 -4.44 -16.10
C ASP C 10 -11.14 -5.27 -15.33
N LEU C 11 -11.06 -6.57 -15.60
CA LEU C 11 -10.09 -7.51 -14.98
C LEU C 11 -9.57 -8.46 -16.05
N TYR C 12 -8.25 -8.56 -16.18
CA TYR C 12 -7.56 -9.56 -17.04
C TYR C 12 -6.65 -10.39 -16.13
N VAL C 13 -6.70 -11.71 -16.30
CA VAL C 13 -5.78 -12.68 -15.65
C VAL C 13 -4.95 -13.30 -16.76
N VAL C 14 -3.64 -13.05 -16.77
CA VAL C 14 -2.77 -13.45 -17.90
C VAL C 14 -1.58 -14.26 -17.37
N GLU C 15 -1.04 -15.14 -18.21
CA GLU C 15 0.11 -16.00 -17.87
C GLU C 15 1.39 -15.22 -18.18
N TYR C 16 2.35 -15.27 -17.26
CA TYR C 16 3.74 -14.80 -17.47
C TYR C 16 4.21 -15.30 -18.83
N GLY C 17 4.82 -14.42 -19.61
CA GLY C 17 5.44 -14.78 -20.91
C GLY C 17 4.46 -14.68 -22.07
N SER C 18 3.16 -14.57 -21.79
CA SER C 18 2.09 -14.51 -22.82
CA SER C 18 2.09 -14.51 -22.81
C SER C 18 2.03 -13.11 -23.45
N ASN C 19 1.13 -12.97 -24.42
CA ASN C 19 0.76 -11.67 -25.04
C ASN C 19 -0.63 -11.30 -24.55
N MET C 20 -0.90 -10.01 -24.40
CA MET C 20 -2.15 -9.52 -23.79
C MET C 20 -2.61 -8.30 -24.59
N THR C 21 -3.89 -8.26 -24.90
CA THR C 21 -4.55 -7.10 -25.52
C THR C 21 -5.62 -6.66 -24.55
N ILE C 22 -5.48 -5.47 -23.97
CA ILE C 22 -6.52 -4.88 -23.08
CA ILE C 22 -6.50 -4.86 -23.08
C ILE C 22 -7.22 -3.81 -23.92
N GLU C 23 -8.54 -3.78 -23.86
CA GLU C 23 -9.30 -2.97 -24.83
C GLU C 23 -10.21 -2.00 -24.11
N CYS C 24 -10.28 -0.78 -24.62
CA CYS C 24 -11.30 0.20 -24.18
C CYS C 24 -11.96 0.80 -25.41
N LYS C 25 -13.28 0.96 -25.31
CA LYS C 25 -14.17 1.42 -26.39
C LYS C 25 -14.46 2.91 -26.15
N PHE C 26 -14.61 3.65 -27.26
CA PHE C 26 -15.05 5.05 -27.27
C PHE C 26 -15.97 5.24 -28.48
N PRO C 27 -16.98 6.14 -28.39
CA PRO C 27 -17.96 6.31 -29.47
C PRO C 27 -17.34 6.99 -30.70
N VAL C 28 -17.44 6.34 -31.86
CA VAL C 28 -17.11 6.95 -33.19
C VAL C 28 -18.33 6.83 -34.10
N GLU C 29 -19.10 7.92 -34.26
CA GLU C 29 -20.44 7.91 -34.92
C GLU C 29 -20.33 8.52 -36.32
N LYS C 30 -19.11 8.67 -36.84
CA LYS C 30 -18.84 9.11 -38.24
C LYS C 30 -17.33 9.05 -38.46
N GLN C 31 -16.85 9.49 -39.62
CA GLN C 31 -15.42 9.31 -39.98
C GLN C 31 -14.53 9.72 -38.80
N LEU C 32 -13.74 8.79 -38.24
CA LEU C 32 -12.76 9.13 -37.18
C LEU C 32 -11.96 10.36 -37.63
N ASP C 33 -11.90 11.38 -36.80
CA ASP C 33 -11.00 12.56 -36.99
C ASP C 33 -9.74 12.34 -36.13
N LEU C 34 -8.71 11.71 -36.69
CA LEU C 34 -7.46 11.39 -35.95
C LEU C 34 -6.88 12.66 -35.32
N ALA C 35 -7.03 13.81 -35.98
CA ALA C 35 -6.44 15.10 -35.54
C ALA C 35 -6.97 15.50 -34.16
N ALA C 36 -8.19 15.09 -33.79
CA ALA C 36 -8.86 15.48 -32.53
C ALA C 36 -8.80 14.34 -31.50
N LEU C 37 -8.23 13.19 -31.86
CA LEU C 37 -8.18 12.00 -30.97
C LEU C 37 -6.89 12.03 -30.15
N ILE C 38 -7.01 11.90 -28.84
CA ILE C 38 -5.86 11.66 -27.93
C ILE C 38 -6.12 10.35 -27.18
N VAL C 39 -5.17 9.42 -27.23
CA VAL C 39 -5.24 8.17 -26.42
C VAL C 39 -3.99 8.10 -25.55
N TYR C 40 -4.18 8.04 -24.25
CA TYR C 40 -3.08 7.87 -23.26
C TYR C 40 -3.34 6.57 -22.49
N TRP C 41 -2.34 5.69 -22.45
CA TRP C 41 -2.39 4.45 -21.63
C TRP C 41 -1.30 4.56 -20.57
N GLU C 42 -1.66 4.26 -19.34
CA GLU C 42 -0.65 4.24 -18.25
C GLU C 42 -0.96 3.13 -17.26
N MET C 43 0.03 2.81 -16.44
CA MET C 43 -0.14 1.91 -15.28
C MET C 43 0.63 2.56 -14.14
N GLU C 44 -0.05 2.85 -13.03
CA GLU C 44 0.56 3.40 -11.80
C GLU C 44 1.55 4.51 -12.15
N ASP C 45 1.10 5.51 -12.92
CA ASP C 45 1.86 6.76 -13.19
C ASP C 45 2.94 6.53 -14.26
N LYS C 46 3.10 5.30 -14.75
CA LYS C 46 4.09 5.01 -15.82
C LYS C 46 3.38 5.14 -17.16
N ASN C 47 3.91 5.94 -18.08
CA ASN C 47 3.37 6.09 -19.46
C ASN C 47 3.69 4.84 -20.28
N ILE C 48 2.66 4.28 -20.91
CA ILE C 48 2.81 3.14 -21.86
C ILE C 48 2.64 3.68 -23.28
N ILE C 49 1.61 4.48 -23.51
CA ILE C 49 1.25 4.94 -24.88
C ILE C 49 0.79 6.41 -24.80
N GLN C 50 1.21 7.20 -25.77
CA GLN C 50 0.69 8.57 -26.01
C GLN C 50 0.45 8.71 -27.51
N PHE C 51 -0.80 8.61 -27.93
CA PHE C 51 -1.21 8.71 -29.35
C PHE C 51 -1.90 10.07 -29.51
N VAL C 52 -1.21 11.01 -30.15
CA VAL C 52 -1.74 12.39 -30.43
C VAL C 52 -1.44 12.69 -31.88
N HIS C 53 -2.30 13.46 -32.54
CA HIS C 53 -2.13 13.90 -33.95
C HIS C 53 -1.85 12.66 -34.81
N GLY C 54 -2.64 11.60 -34.61
CA GLY C 54 -2.65 10.40 -35.47
C GLY C 54 -1.36 9.57 -35.42
N GLU C 55 -0.40 9.88 -34.54
CA GLU C 55 0.82 9.07 -34.36
C GLU C 55 1.20 8.97 -32.88
N GLU C 56 2.07 8.01 -32.56
CA GLU C 56 2.46 7.63 -31.18
C GLU C 56 3.75 8.34 -30.78
N ASP C 57 3.86 8.74 -29.51
CA ASP C 57 5.07 9.43 -29.00
C ASP C 57 5.77 8.56 -27.96
N LEU C 58 6.96 8.06 -28.31
CA LEU C 58 7.74 7.15 -27.42
C LEU C 58 8.58 7.99 -26.46
N LYS C 59 8.57 9.33 -26.59
CA LYS C 59 9.40 10.25 -25.77
C LYS C 59 8.99 10.11 -24.30
N THR C 60 7.91 9.40 -23.99
CA THR C 60 7.34 9.39 -22.63
C THR C 60 7.26 7.97 -22.06
N GLN C 61 7.40 6.91 -22.85
CA GLN C 61 7.31 5.50 -22.37
C GLN C 61 8.23 5.31 -21.15
N HIS C 62 7.76 4.58 -20.13
CA HIS C 62 8.49 4.36 -18.86
C HIS C 62 9.78 3.53 -19.05
N SER C 63 10.01 2.92 -20.20
CA SER C 63 11.26 2.16 -20.45
C SER C 63 11.10 0.73 -19.90
N SER C 64 10.09 0.44 -19.09
CA SER C 64 9.68 -0.94 -18.74
C SER C 64 8.74 -1.49 -19.82
N TYR C 65 8.31 -0.66 -20.78
CA TYR C 65 7.28 -1.02 -21.78
C TYR C 65 7.86 -0.93 -23.20
N ARG C 66 9.17 -0.81 -23.31
CA ARG C 66 9.81 -0.53 -24.62
C ARG C 66 9.76 -1.79 -25.48
N GLN C 67 9.33 -1.65 -26.73
CA GLN C 67 9.17 -2.76 -27.71
C GLN C 67 8.05 -3.71 -27.27
N ARG C 68 7.53 -3.59 -26.04
CA ARG C 68 6.53 -4.54 -25.50
C ARG C 68 5.12 -3.96 -25.67
N ALA C 69 4.99 -2.66 -25.87
CA ALA C 69 3.69 -1.95 -25.87
C ALA C 69 3.40 -1.37 -27.25
N ARG C 70 2.18 -1.58 -27.74
CA ARG C 70 1.74 -1.06 -29.06
C ARG C 70 0.23 -0.79 -29.01
N LEU C 71 -0.20 0.36 -29.54
CA LEU C 71 -1.64 0.68 -29.71
C LEU C 71 -2.05 0.22 -31.10
N LEU C 72 -3.19 -0.46 -31.20
CA LEU C 72 -3.68 -1.02 -32.49
C LEU C 72 -4.46 0.08 -33.23
N LYS C 73 -3.84 0.79 -34.16
CA LYS C 73 -4.44 1.98 -34.84
C LYS C 73 -5.64 1.57 -35.71
N ASP C 74 -5.57 0.43 -36.40
CA ASP C 74 -6.60 0.05 -37.42
C ASP C 74 -8.00 0.06 -36.78
N GLN C 75 -8.06 -0.21 -35.49
CA GLN C 75 -9.30 -0.37 -34.68
C GLN C 75 -9.87 0.98 -34.29
N LEU C 76 -9.07 2.04 -34.24
CA LEU C 76 -9.56 3.37 -33.74
C LEU C 76 -10.78 3.82 -34.55
N SER C 77 -10.83 3.56 -35.86
CA SER C 77 -11.96 3.91 -36.74
C SER C 77 -13.23 3.16 -36.30
N LEU C 78 -13.10 2.03 -35.61
CA LEU C 78 -14.27 1.31 -35.04
C LEU C 78 -14.48 1.72 -33.57
N GLY C 79 -13.63 2.60 -33.06
CA GLY C 79 -13.72 3.12 -31.69
C GLY C 79 -13.17 2.14 -30.67
N ASN C 80 -12.10 1.41 -31.00
CA ASN C 80 -11.41 0.49 -30.04
C ASN C 80 -9.95 0.92 -29.85
N ALA C 81 -9.63 1.41 -28.66
CA ALA C 81 -8.25 1.75 -28.23
C ALA C 81 -7.70 0.49 -27.55
N ALA C 82 -6.99 -0.35 -28.29
CA ALA C 82 -6.50 -1.65 -27.77
C ALA C 82 -5.01 -1.50 -27.50
N LEU C 83 -4.61 -1.70 -26.25
CA LEU C 83 -3.18 -1.81 -25.87
C LEU C 83 -2.77 -3.28 -25.95
N GLN C 84 -1.78 -3.57 -26.80
CA GLN C 84 -1.15 -4.91 -26.89
C GLN C 84 0.17 -4.86 -26.11
N ILE C 85 0.30 -5.72 -25.12
CA ILE C 85 1.59 -5.91 -24.40
C ILE C 85 2.15 -7.27 -24.79
N THR C 86 3.42 -7.34 -25.17
CA THR C 86 4.06 -8.60 -25.58
C THR C 86 4.99 -9.05 -24.45
N ASP C 87 5.09 -10.37 -24.25
CA ASP C 87 6.05 -11.00 -23.31
C ASP C 87 5.75 -10.44 -21.92
N VAL C 88 4.55 -10.73 -21.43
CA VAL C 88 4.03 -10.19 -20.15
C VAL C 88 4.97 -10.61 -19.01
N LYS C 89 5.29 -9.67 -18.13
CA LYS C 89 6.16 -9.90 -16.95
C LYS C 89 5.32 -9.69 -15.70
N LEU C 90 5.81 -10.17 -14.55
CA LEU C 90 5.09 -10.00 -13.27
C LEU C 90 4.95 -8.50 -12.95
N GLN C 91 5.92 -7.69 -13.37
CA GLN C 91 5.94 -6.22 -13.17
C GLN C 91 4.78 -5.55 -13.95
N ASP C 92 4.17 -6.23 -14.92
CA ASP C 92 3.02 -5.70 -15.71
C ASP C 92 1.70 -5.81 -14.93
N ALA C 93 1.67 -6.51 -13.80
CA ALA C 93 0.46 -6.63 -12.98
C ALA C 93 0.19 -5.30 -12.29
N GLY C 94 -1.07 -4.88 -12.26
CA GLY C 94 -1.52 -3.68 -11.54
C GLY C 94 -2.65 -2.98 -12.27
N VAL C 95 -2.88 -1.71 -11.98
CA VAL C 95 -4.10 -1.00 -12.43
C VAL C 95 -3.70 -0.12 -13.63
N TYR C 96 -4.31 -0.39 -14.78
CA TYR C 96 -4.07 0.32 -16.05
C TYR C 96 -5.16 1.36 -16.21
N ARG C 97 -4.85 2.47 -16.88
CA ARG C 97 -5.87 3.49 -17.21
CA ARG C 97 -5.86 3.50 -17.21
C ARG C 97 -5.78 3.78 -18.71
N CYS C 98 -6.92 3.73 -19.37
CA CYS C 98 -7.07 4.20 -20.76
C CYS C 98 -7.77 5.56 -20.73
N MET C 99 -7.07 6.59 -21.15
CA MET C 99 -7.59 7.98 -21.13
C MET C 99 -7.79 8.38 -22.58
N ILE C 100 -9.02 8.75 -22.93
CA ILE C 100 -9.35 9.16 -24.32
C ILE C 100 -9.99 10.54 -24.30
N SER C 101 -9.47 11.41 -25.17
CA SER C 101 -10.10 12.70 -25.54
C SER C 101 -10.52 12.61 -27.01
N TYR C 102 -11.82 12.73 -27.26
CA TYR C 102 -12.42 12.75 -28.63
C TYR C 102 -13.73 13.52 -28.55
N GLY C 103 -13.66 14.85 -28.68
CA GLY C 103 -14.81 15.77 -28.57
C GLY C 103 -15.58 15.51 -27.28
N GLY C 104 -14.88 15.59 -26.15
CA GLY C 104 -15.27 14.94 -24.89
C GLY C 104 -14.07 14.16 -24.37
N ALA C 105 -14.04 13.84 -23.08
CA ALA C 105 -12.90 13.10 -22.49
C ALA C 105 -13.43 12.25 -21.34
N ASP C 106 -12.79 11.09 -21.14
CA ASP C 106 -13.15 10.12 -20.09
C ASP C 106 -11.99 9.13 -19.94
N TYR C 107 -11.98 8.34 -18.87
CA TYR C 107 -11.02 7.22 -18.73
C TYR C 107 -11.70 6.07 -18.01
N LYS C 108 -11.13 4.89 -18.13
CA LYS C 108 -11.52 3.71 -17.34
C LYS C 108 -10.26 3.02 -16.80
N ARG C 109 -10.42 2.32 -15.68
CA ARG C 109 -9.36 1.50 -15.06
C ARG C 109 -9.55 0.05 -15.44
N ILE C 110 -8.44 -0.65 -15.65
CA ILE C 110 -8.42 -2.11 -15.88
C ILE C 110 -7.38 -2.71 -14.94
N THR C 111 -7.76 -3.75 -14.21
CA THR C 111 -6.83 -4.51 -13.34
C THR C 111 -6.26 -5.69 -14.10
N VAL C 112 -4.95 -5.82 -14.13
CA VAL C 112 -4.26 -6.99 -14.72
C VAL C 112 -3.62 -7.80 -13.59
N LYS C 113 -3.92 -9.08 -13.50
CA LYS C 113 -3.24 -10.06 -12.60
C LYS C 113 -2.38 -10.96 -13.47
N VAL C 114 -1.16 -11.22 -13.04
CA VAL C 114 -0.20 -12.07 -13.79
C VAL C 114 0.04 -13.33 -12.96
N ASN C 115 -0.32 -14.48 -13.53
CA ASN C 115 0.02 -15.81 -12.96
C ASN C 115 1.41 -16.17 -13.45
N ALA C 116 2.24 -16.75 -12.60
CA ALA C 116 3.60 -17.16 -12.99
C ALA C 116 3.98 -18.44 -12.25
N PRO C 117 4.83 -19.28 -12.89
CA PRO C 117 5.41 -20.43 -12.21
C PRO C 117 6.43 -19.98 -11.14
N TYR C 118 6.77 -20.90 -10.25
CA TYR C 118 7.69 -20.64 -9.11
C TYR C 118 8.98 -19.96 -9.60
N ALA C 119 9.57 -20.51 -10.65
CA ALA C 119 10.91 -20.13 -11.17
C ALA C 119 10.90 -18.65 -11.55
N ALA C 120 9.90 -18.18 -12.29
CA ALA C 120 9.76 -16.76 -12.69
C ALA C 120 9.49 -15.89 -11.46
N ALA C 121 8.63 -16.36 -10.56
CA ALA C 121 8.23 -15.59 -9.35
C ALA C 121 9.48 -15.36 -8.49
N LEU C 122 10.37 -16.36 -8.38
CA LEU C 122 11.59 -16.24 -7.55
C LEU C 122 12.51 -15.10 -8.04
N GLU C 123 12.76 -15.03 -9.35
CA GLU C 123 13.56 -13.94 -9.98
C GLU C 123 12.96 -12.58 -9.62
N HIS C 124 11.67 -12.40 -9.83
CA HIS C 124 10.95 -11.13 -9.51
C HIS C 124 11.09 -10.83 -8.01
N HIS C 125 10.99 -11.86 -7.16
CA HIS C 125 11.09 -11.74 -5.68
C HIS C 125 12.45 -11.14 -5.30
N HIS C 126 13.54 -11.69 -5.83
CA HIS C 126 14.92 -11.17 -5.63
C HIS C 126 15.21 -10.12 -6.71
N HIS C 127 14.74 -8.89 -6.49
CA HIS C 127 14.82 -7.68 -7.36
C HIS C 127 13.47 -6.98 -7.41
N ALA D 2 2.80 21.56 -27.45
CA ALA D 2 1.74 20.59 -27.02
C ALA D 2 0.91 21.24 -25.91
N PHE D 3 -0.39 20.95 -25.86
CA PHE D 3 -1.24 21.22 -24.68
C PHE D 3 -0.57 20.62 -23.43
N THR D 4 -0.22 21.48 -22.46
CA THR D 4 0.50 21.08 -21.23
C THR D 4 -0.24 21.64 -20.03
N VAL D 5 -0.69 20.76 -19.14
CA VAL D 5 -1.16 21.14 -17.78
C VAL D 5 0.08 21.31 -16.91
N THR D 6 0.13 22.38 -16.11
CA THR D 6 1.29 22.65 -15.24
C THR D 6 0.76 22.88 -13.82
N VAL D 7 1.54 22.46 -12.82
CA VAL D 7 1.21 22.72 -11.39
C VAL D 7 2.33 23.58 -10.82
N PRO D 8 2.04 24.80 -10.34
CA PRO D 8 3.03 25.63 -9.66
C PRO D 8 3.60 24.92 -8.41
N LYS D 9 2.76 24.19 -7.67
CA LYS D 9 3.18 23.32 -6.55
C LYS D 9 2.67 21.90 -6.80
N ASP D 10 3.56 20.90 -6.76
CA ASP D 10 3.13 19.49 -6.80
C ASP D 10 3.06 18.90 -5.39
N LEU D 11 3.35 19.69 -4.36
CA LEU D 11 3.29 19.28 -2.93
C LEU D 11 2.59 20.35 -2.10
N TYR D 12 1.54 19.97 -1.37
CA TYR D 12 0.84 20.84 -0.40
C TYR D 12 0.95 20.18 0.96
N VAL D 13 1.30 20.96 1.98
CA VAL D 13 1.33 20.51 3.40
C VAL D 13 0.32 21.37 4.12
N VAL D 14 -0.76 20.78 4.60
CA VAL D 14 -1.92 21.55 5.14
CA VAL D 14 -1.97 21.50 5.10
C VAL D 14 -2.27 21.06 6.53
N GLU D 15 -2.77 21.97 7.35
CA GLU D 15 -3.17 21.68 8.75
C GLU D 15 -4.61 21.14 8.71
N TYR D 16 -4.86 20.08 9.46
CA TYR D 16 -6.22 19.57 9.74
C TYR D 16 -7.13 20.76 10.07
N GLY D 17 -8.31 20.81 9.45
CA GLY D 17 -9.33 21.84 9.72
C GLY D 17 -9.15 23.10 8.88
N SER D 18 -8.02 23.26 8.20
CA SER D 18 -7.75 24.42 7.31
CA SER D 18 -7.79 24.44 7.33
C SER D 18 -8.49 24.24 5.97
N ASN D 19 -8.37 25.25 5.14
CA ASN D 19 -8.89 25.24 3.74
C ASN D 19 -7.68 25.11 2.83
N MET D 20 -7.87 24.41 1.73
CA MET D 20 -6.78 24.23 0.77
C MET D 20 -7.32 24.48 -0.64
N THR D 21 -6.56 25.24 -1.42
CA THR D 21 -6.83 25.44 -2.84
C THR D 21 -5.65 24.84 -3.61
N ILE D 22 -5.87 23.78 -4.38
CA ILE D 22 -4.79 23.16 -5.18
CA ILE D 22 -4.84 23.11 -5.20
C ILE D 22 -5.03 23.61 -6.63
N GLU D 23 -3.96 24.02 -7.28
CA GLU D 23 -4.06 24.75 -8.56
C GLU D 23 -3.43 23.94 -9.67
N CYS D 24 -4.13 23.88 -10.80
CA CYS D 24 -3.67 23.25 -12.05
CA CYS D 24 -3.53 23.30 -12.02
C CYS D 24 -3.82 24.28 -13.17
N LYS D 25 -2.77 24.61 -13.90
CA LYS D 25 -2.83 25.63 -14.96
C LYS D 25 -2.96 24.90 -16.30
N PHE D 26 -3.68 25.53 -17.23
CA PHE D 26 -3.84 25.09 -18.62
C PHE D 26 -3.85 26.31 -19.52
N PRO D 27 -3.34 26.21 -20.76
CA PRO D 27 -3.26 27.36 -21.66
C PRO D 27 -4.65 27.81 -22.12
N VAL D 28 -4.97 29.10 -21.92
CA VAL D 28 -6.16 29.76 -22.52
C VAL D 28 -5.67 30.98 -23.33
N GLU D 29 -5.73 30.87 -24.66
CA GLU D 29 -5.41 31.94 -25.62
C GLU D 29 -6.76 32.55 -26.03
N LYS D 30 -6.90 33.86 -25.90
CA LYS D 30 -8.13 34.62 -26.26
C LYS D 30 -9.18 34.29 -25.20
N GLN D 31 -10.43 34.03 -25.59
CA GLN D 31 -11.56 33.86 -24.63
C GLN D 31 -11.81 32.37 -24.38
N LEU D 32 -12.05 32.00 -23.13
CA LEU D 32 -12.37 30.61 -22.75
C LEU D 32 -13.58 30.14 -23.57
N ASP D 33 -13.50 28.96 -24.19
CA ASP D 33 -14.67 28.25 -24.77
C ASP D 33 -15.14 27.17 -23.78
N LEU D 34 -16.07 27.50 -22.89
CA LEU D 34 -16.50 26.57 -21.81
C LEU D 34 -17.05 25.28 -22.44
N ALA D 35 -17.65 25.37 -23.63
CA ALA D 35 -18.26 24.22 -24.34
C ALA D 35 -17.21 23.16 -24.66
N ALA D 36 -15.92 23.50 -24.77
CA ALA D 36 -14.83 22.56 -25.14
C ALA D 36 -13.98 22.20 -23.92
N LEU D 37 -14.30 22.71 -22.74
CA LEU D 37 -13.48 22.48 -21.52
C LEU D 37 -14.04 21.29 -20.72
N ILE D 38 -13.18 20.33 -20.39
CA ILE D 38 -13.49 19.26 -19.40
C ILE D 38 -12.42 19.32 -18.30
N VAL D 39 -12.84 19.40 -17.04
CA VAL D 39 -11.93 19.27 -15.87
C VAL D 39 -12.44 18.12 -14.98
N TYR D 40 -11.59 17.13 -14.76
CA TYR D 40 -11.78 16.08 -13.74
C TYR D 40 -10.74 16.26 -12.65
N TRP D 41 -11.19 16.27 -11.40
CA TRP D 41 -10.29 16.17 -10.21
C TRP D 41 -10.57 14.87 -9.49
N GLU D 42 -9.54 14.12 -9.16
CA GLU D 42 -9.71 12.88 -8.39
C GLU D 42 -8.56 12.70 -7.41
N MET D 43 -8.78 11.85 -6.42
CA MET D 43 -7.71 11.40 -5.50
C MET D 43 -7.87 9.88 -5.36
N GLU D 44 -6.83 9.14 -5.71
CA GLU D 44 -6.77 7.66 -5.61
C GLU D 44 -8.09 7.06 -6.10
N ASP D 45 -8.50 7.44 -7.31
CA ASP D 45 -9.62 6.81 -8.06
C ASP D 45 -10.97 7.27 -7.49
N LYS D 46 -11.01 8.10 -6.45
CA LYS D 46 -12.27 8.74 -6.00
C LYS D 46 -12.47 10.05 -6.76
N ASN D 47 -13.63 10.23 -7.39
CA ASN D 47 -13.95 11.46 -8.16
C ASN D 47 -14.36 12.57 -7.18
N ILE D 48 -13.78 13.75 -7.35
CA ILE D 48 -14.08 14.95 -6.54
C ILE D 48 -14.90 15.91 -7.39
N ILE D 49 -14.49 16.09 -8.64
CA ILE D 49 -15.09 17.11 -9.54
C ILE D 49 -15.14 16.52 -10.96
N GLN D 50 -16.26 16.72 -11.64
CA GLN D 50 -16.38 16.48 -13.10
C GLN D 50 -17.10 17.68 -13.67
N PHE D 51 -16.35 18.57 -14.32
CA PHE D 51 -16.90 19.80 -14.93
C PHE D 51 -16.85 19.59 -16.44
N VAL D 52 -17.99 19.32 -17.07
CA VAL D 52 -18.07 18.96 -18.51
C VAL D 52 -18.99 19.97 -19.20
N HIS D 53 -18.45 20.82 -20.06
CA HIS D 53 -19.24 21.88 -20.77
C HIS D 53 -20.06 22.66 -19.74
N GLY D 54 -19.40 23.32 -18.78
CA GLY D 54 -20.07 24.31 -17.93
C GLY D 54 -20.83 23.71 -16.75
N GLU D 55 -21.10 22.40 -16.72
CA GLU D 55 -21.92 21.83 -15.61
C GLU D 55 -21.14 20.78 -14.81
N GLU D 56 -21.39 20.68 -13.50
CA GLU D 56 -20.75 19.64 -12.66
C GLU D 56 -21.72 18.49 -12.41
N ASP D 57 -21.21 17.26 -12.34
CA ASP D 57 -21.97 16.03 -12.07
C ASP D 57 -21.35 15.32 -10.86
N LEU D 58 -22.11 15.21 -9.76
CA LEU D 58 -21.70 14.50 -8.53
C LEU D 58 -21.89 12.98 -8.68
N LYS D 59 -22.25 12.51 -9.88
CA LYS D 59 -22.57 11.09 -10.21
C LYS D 59 -21.61 10.12 -9.49
N THR D 60 -20.31 10.22 -9.76
CA THR D 60 -19.26 9.46 -9.04
C THR D 60 -18.63 10.33 -7.95
N GLN D 61 -19.19 11.53 -7.71
CA GLN D 61 -18.67 12.48 -6.70
C GLN D 61 -18.89 11.83 -5.33
N HIS D 62 -17.80 11.38 -4.70
CA HIS D 62 -17.84 10.65 -3.41
C HIS D 62 -18.47 11.53 -2.33
N SER D 63 -19.31 10.95 -1.47
CA SER D 63 -19.87 11.57 -0.23
C SER D 63 -18.78 12.30 0.58
N SER D 64 -17.58 11.74 0.66
CA SER D 64 -16.39 12.35 1.32
C SER D 64 -16.17 13.81 0.87
N TYR D 65 -16.51 14.13 -0.38
CA TYR D 65 -16.17 15.45 -0.97
C TYR D 65 -17.47 16.23 -1.21
N ARG D 66 -18.64 15.59 -1.01
CA ARG D 66 -19.92 16.33 -0.95
C ARG D 66 -19.81 17.27 0.25
N GLN D 67 -20.24 18.50 0.05
CA GLN D 67 -20.30 19.55 1.08
C GLN D 67 -18.91 20.18 1.25
N ARG D 68 -17.80 19.62 0.74
CA ARG D 68 -16.44 20.16 1.12
C ARG D 68 -15.59 20.59 -0.08
N ALA D 69 -15.96 20.22 -1.29
CA ALA D 69 -15.11 20.39 -2.49
C ALA D 69 -15.85 21.23 -3.51
N ARG D 70 -15.17 22.21 -4.11
CA ARG D 70 -15.70 22.98 -5.26
C ARG D 70 -14.56 23.37 -6.22
N LEU D 71 -14.89 23.53 -7.51
CA LEU D 71 -13.99 24.13 -8.51
C LEU D 71 -14.22 25.64 -8.51
N LEU D 72 -13.17 26.44 -8.45
CA LEU D 72 -13.26 27.93 -8.48
C LEU D 72 -13.46 28.37 -9.93
N LYS D 73 -14.71 28.66 -10.29
CA LYS D 73 -15.09 28.95 -11.70
C LYS D 73 -14.44 30.25 -12.20
N ASP D 74 -14.26 31.24 -11.35
CA ASP D 74 -13.68 32.57 -11.72
C ASP D 74 -12.33 32.36 -12.44
N GLN D 75 -11.54 31.46 -11.89
CA GLN D 75 -10.14 31.18 -12.30
C GLN D 75 -10.12 30.52 -13.70
N LEU D 76 -11.21 29.94 -14.17
CA LEU D 76 -11.20 29.13 -15.40
C LEU D 76 -10.82 29.99 -16.62
N SER D 77 -11.34 31.22 -16.71
CA SER D 77 -11.07 32.09 -17.88
CA SER D 77 -11.09 32.14 -17.85
C SER D 77 -9.60 32.51 -17.90
N LEU D 78 -8.94 32.43 -16.75
CA LEU D 78 -7.51 32.80 -16.58
C LEU D 78 -6.63 31.55 -16.74
N GLY D 79 -7.25 30.40 -17.06
CA GLY D 79 -6.54 29.13 -17.29
C GLY D 79 -6.10 28.46 -16.00
N ASN D 80 -6.89 28.59 -14.94
CA ASN D 80 -6.60 28.02 -13.61
C ASN D 80 -7.79 27.15 -13.18
N ALA D 81 -7.58 25.84 -13.15
CA ALA D 81 -8.55 24.85 -12.65
C ALA D 81 -8.17 24.65 -11.16
N ALA D 82 -8.82 25.37 -10.26
CA ALA D 82 -8.45 25.39 -8.83
C ALA D 82 -9.49 24.55 -8.06
N LEU D 83 -9.02 23.52 -7.38
CA LEU D 83 -9.84 22.71 -6.46
C LEU D 83 -9.73 23.30 -5.05
N GLN D 84 -10.85 23.74 -4.48
CA GLN D 84 -10.86 24.23 -3.10
C GLN D 84 -11.51 23.17 -2.23
N ILE D 85 -10.78 22.67 -1.22
CA ILE D 85 -11.39 21.74 -0.22
C ILE D 85 -11.49 22.50 1.10
N THR D 86 -12.66 22.48 1.72
CA THR D 86 -12.88 23.19 3.01
CA THR D 86 -12.92 23.19 3.00
C THR D 86 -12.82 22.19 4.17
N ASP D 87 -12.29 22.62 5.30
CA ASP D 87 -12.20 21.79 6.54
C ASP D 87 -11.44 20.49 6.20
N VAL D 88 -10.17 20.62 5.86
CA VAL D 88 -9.32 19.50 5.39
C VAL D 88 -9.26 18.45 6.51
N LYS D 89 -9.40 17.18 6.14
CA LYS D 89 -9.40 16.03 7.07
C LYS D 89 -8.18 15.17 6.76
N LEU D 90 -7.81 14.27 7.67
CA LEU D 90 -6.64 13.39 7.46
C LEU D 90 -6.86 12.49 6.24
N GLN D 91 -8.11 12.10 5.99
CA GLN D 91 -8.45 11.21 4.84
C GLN D 91 -8.24 11.95 3.51
N ASP D 92 -8.06 13.27 3.49
CA ASP D 92 -7.78 14.06 2.26
C ASP D 92 -6.31 13.95 1.84
N ALA D 93 -5.44 13.37 2.67
CA ALA D 93 -4.01 13.19 2.31
C ALA D 93 -3.91 12.16 1.17
N GLY D 94 -3.07 12.43 0.19
CA GLY D 94 -2.79 11.46 -0.89
C GLY D 94 -2.46 12.15 -2.18
N VAL D 95 -2.54 11.42 -3.28
CA VAL D 95 -2.12 11.91 -4.62
C VAL D 95 -3.38 12.32 -5.39
N TYR D 96 -3.47 13.59 -5.73
CA TYR D 96 -4.58 14.19 -6.49
C TYR D 96 -4.16 14.23 -7.97
N ARG D 97 -5.14 14.14 -8.86
CA ARG D 97 -4.90 14.30 -10.31
C ARG D 97 -5.88 15.36 -10.82
N CYS D 98 -5.32 16.34 -11.51
CA CYS D 98 -6.14 17.28 -12.31
CA CYS D 98 -6.09 17.33 -12.32
C CYS D 98 -6.03 16.88 -13.79
N MET D 99 -7.15 16.47 -14.36
CA MET D 99 -7.23 16.01 -15.76
C MET D 99 -8.00 17.07 -16.54
N ILE D 100 -7.36 17.63 -17.56
CA ILE D 100 -7.96 18.73 -18.35
C ILE D 100 -7.92 18.34 -19.83
N SER D 101 -9.08 18.45 -20.47
CA SER D 101 -9.24 18.45 -21.95
C SER D 101 -9.69 19.86 -22.37
N TYR D 102 -8.89 20.52 -23.20
CA TYR D 102 -9.22 21.83 -23.80
C TYR D 102 -8.44 21.94 -25.11
N GLY D 103 -9.00 21.38 -26.20
CA GLY D 103 -8.38 21.31 -27.53
C GLY D 103 -7.00 20.67 -27.43
N GLY D 104 -6.91 19.47 -26.87
CA GLY D 104 -5.67 18.95 -26.26
C GLY D 104 -5.99 18.39 -24.88
N ALA D 105 -5.18 17.47 -24.36
CA ALA D 105 -5.45 16.87 -23.02
C ALA D 105 -4.14 16.53 -22.34
N ASP D 106 -4.13 16.66 -21.01
CA ASP D 106 -2.99 16.34 -20.15
C ASP D 106 -3.51 16.23 -18.71
N TYR D 107 -2.72 15.68 -17.83
CA TYR D 107 -3.02 15.66 -16.38
C TYR D 107 -1.69 15.78 -15.64
N LYS D 108 -1.80 16.26 -14.41
CA LYS D 108 -0.67 16.33 -13.47
C LYS D 108 -1.11 15.76 -12.12
N ARG D 109 -0.13 15.33 -11.36
CA ARG D 109 -0.33 14.77 -10.00
CA ARG D 109 -0.34 14.78 -10.00
C ARG D 109 0.09 15.83 -8.98
N ILE D 110 -0.64 15.88 -7.88
CA ILE D 110 -0.31 16.76 -6.74
C ILE D 110 -0.38 15.89 -5.48
N THR D 111 0.64 15.95 -4.65
CA THR D 111 0.68 15.25 -3.34
C THR D 111 0.21 16.22 -2.26
N VAL D 112 -0.75 15.80 -1.46
CA VAL D 112 -1.22 16.56 -0.27
C VAL D 112 -0.82 15.76 0.98
N LYS D 113 -0.14 16.41 1.91
CA LYS D 113 0.16 15.90 3.27
C LYS D 113 -0.69 16.68 4.25
N VAL D 114 -1.30 16.00 5.20
CA VAL D 114 -2.14 16.68 6.24
C VAL D 114 -1.46 16.46 7.59
N ASN D 115 -1.09 17.57 8.23
CA ASN D 115 -0.61 17.58 9.64
C ASN D 115 -1.85 17.64 10.53
N ALA D 116 -1.87 16.91 11.64
CA ALA D 116 -3.00 17.02 12.59
C ALA D 116 -2.52 16.85 14.03
N PRO D 117 -3.17 17.54 14.97
CA PRO D 117 -2.91 17.34 16.39
C PRO D 117 -3.42 15.96 16.85
N TYR D 118 -2.97 15.53 18.03
CA TYR D 118 -3.33 14.23 18.62
C TYR D 118 -4.85 14.00 18.56
N ALA D 119 -5.67 14.97 18.95
CA ALA D 119 -7.14 14.75 19.11
C ALA D 119 -7.76 14.34 17.76
N ALA D 120 -7.43 15.03 16.68
CA ALA D 120 -7.92 14.70 15.31
C ALA D 120 -7.32 13.36 14.85
N ALA D 121 -6.05 13.11 15.12
CA ALA D 121 -5.36 11.86 14.71
C ALA D 121 -6.02 10.68 15.42
N LEU D 122 -6.36 10.83 16.70
CA LEU D 122 -6.96 9.74 17.52
C LEU D 122 -8.34 9.37 16.94
N GLU D 123 -9.17 10.38 16.65
CA GLU D 123 -10.53 10.15 16.09
C GLU D 123 -10.39 9.38 14.76
N HIS D 124 -9.51 9.84 13.87
CA HIS D 124 -9.28 9.19 12.55
C HIS D 124 -8.78 7.76 12.78
N HIS D 125 -7.89 7.56 13.76
CA HIS D 125 -7.25 6.26 14.04
C HIS D 125 -8.33 5.24 14.39
N HIS D 126 -9.28 5.60 15.27
CA HIS D 126 -10.23 4.65 15.86
C HIS D 126 -11.51 4.61 15.02
N HIS D 127 -11.88 5.73 14.40
CA HIS D 127 -13.25 5.88 13.84
C HIS D 127 -13.18 6.04 12.32
N HIS D 128 -12.01 5.63 11.75
CA HIS D 128 -11.54 5.65 10.33
C HIS D 128 -12.47 6.48 9.48
N HIS D 129 -12.03 7.70 9.20
CA HIS D 129 -12.65 8.57 8.17
C HIS D 129 -12.00 8.17 6.84
C32 A1L2P E . 10.84 -11.89 20.04
C31 A1L2P E . 10.58 -12.68 18.94
C33 A1L2P E . 10.01 -11.89 21.15
C26 A1L2P E . 6.58 -16.55 20.03
C30 A1L2P E . 9.46 -13.48 18.93
C34 A1L2P E . 8.90 -12.70 21.14
C27 A1L2P E . 7.65 -15.69 20.01
C25 A1L2P E . 5.29 -16.05 20.05
C12 A1L2P E . -0.45 -15.25 21.84
C29 A1L2P E . 8.63 -13.51 20.03
C28 A1L2P E . 7.45 -14.35 20.03
C3 A1L2P E . 5.08 -14.69 20.03
C11 A1L2P E . -1.03 -14.19 21.19
C2 A1L2P E . 6.16 -13.84 20.03
C8 A1L2P E . -0.20 -13.46 20.35
C6 A1L2P E . 1.54 -14.80 20.85
C22 A1L2P E . -2.99 -12.10 24.49
C18 A1L2P E . -5.01 -12.11 21.83
C17 A1L2P E . -5.31 -13.34 22.68
C19 A1L2P E . -3.74 -11.37 22.22
C16 A1L2P E . -4.12 -14.22 23.05
C20 A1L2P E . -2.75 -12.20 23.02
C1 A1L2P E . 5.98 -12.37 20.01
C10 A1L2P E . 0.11 -11.40 19.50
C14 A1L2P E . -2.47 -13.83 21.35
C4 A1L2P E . 3.65 -14.19 20.04
N13 A1L2P E . 0.84 -15.58 21.68
N7 A1L2P E . 1.10 -13.74 20.16
N15 A1L2P E . -2.82 -13.61 22.75
O24 A1L2P E . -2.18 -12.44 25.34
O23 A1L2P E . -4.24 -11.66 24.80
O9 A1L2P E . -0.83 -12.44 19.71
O5 A1L2P E . 2.85 -15.18 20.73
C32 A1L2P F . -10.64 14.35 -18.33
C31 A1L2P F . -10.55 12.99 -18.57
C33 A1L2P F . -9.74 15.23 -18.87
C26 A1L2P F . -6.97 11.74 -22.71
C30 A1L2P F . -9.54 12.51 -19.37
C34 A1L2P F . -8.72 14.75 -19.64
C27 A1L2P F . -7.93 12.23 -21.87
C25 A1L2P F . -5.64 11.90 -22.42
C12 A1L2P F . -0.04 13.93 -23.13
C29 A1L2P F . -8.62 13.40 -19.90
C28 A1L2P F . -7.55 12.92 -20.73
C3 A1L2P F . -5.26 12.57 -21.27
C11 A1L2P F . 0.73 13.61 -22.03
C2 A1L2P F . -6.23 13.08 -20.43
C8 A1L2P F . 0.07 13.02 -20.98
C6 A1L2P F . -1.86 13.12 -22.12
C22 A1L2P F . 1.40 17.23 -23.23
C18 A1L2P F . 4.02 16.90 -21.12
C17 A1L2P F . 4.58 15.62 -21.70
C19 A1L2P F . 2.50 16.93 -21.02
C16 A1L2P F . 3.89 15.27 -23.00
C20 A1L2P F . 1.76 16.26 -22.16
C1 A1L2P F . -5.84 13.79 -19.20
C10 A1L2P F . 0.22 13.25 -18.69
C14 A1L2P F . 2.19 13.93 -22.01
C4 A1L2P F . -3.81 12.71 -20.98
N13 A1L2P F . -1.33 13.70 -23.19
N7 A1L2P F . -1.25 12.73 -20.99
N15 A1L2P F . 2.44 15.13 -22.81
O24 A1L2P F . 2.06 18.23 -23.49
O23 A1L2P F . 0.22 16.87 -23.84
O9 A1L2P F . 0.81 12.68 -19.85
O5 A1L2P F . -3.21 12.89 -22.27
#